data_8U0R
#
_entry.id   8U0R
#
_cell.length_a   46.860
_cell.length_b   70.060
_cell.length_c   78.950
_cell.angle_alpha   90.000
_cell.angle_beta   95.290
_cell.angle_gamma   90.000
#
_symmetry.space_group_name_H-M   'P 1 21 1'
#
loop_
_entity.id
_entity.type
_entity.pdbx_description
1 polymer 'Virion membrane protein A21'
2 non-polymer ETHANOL
3 non-polymer 1,2-ETHANEDIOL
4 non-polymer METHANOL
5 non-polymer 'IODIDE ION'
6 non-polymer 'CHLORIDE ION'
7 non-polymer 1,3-PROPANDIOL
8 non-polymer R-1,2-PROPANEDIOL
9 non-polymer 'SODIUM ION'
10 non-polymer 2-(2-METHOXYETHOXY)ETHANOL
11 non-polymer 2-AMINO-ETHANETHIOL
12 non-polymer 'TRIETHYLENE GLYCOL'
13 non-polymer DI(HYDROXYETHYL)ETHER
14 non-polymer N-PROPANOL
15 non-polymer GLYCEROL
16 non-polymer 'ISOPROPYL ALCOHOL'
17 water water
#
_entity_poly.entity_id   1
_entity_poly.type   'polypeptide(L)'
_entity_poly.pdbx_seq_one_letter_code
;EKMRRERAAYVNYKRLNKNFICVDDRLFSYNFTTSGIKAKVAVDNKNVPIPCSKINEVNNNKDVDTLYCDKDRDDIPGFA
RSCYRAYSDLFFTT
;
_entity_poly.pdbx_strand_id   A,B,C,D,E,F
#
loop_
_chem_comp.id
_chem_comp.type
_chem_comp.name
_chem_comp.formula
CL non-polymer 'CHLORIDE ION' 'Cl -1'
EDO non-polymer 1,2-ETHANEDIOL 'C2 H6 O2'
EOH non-polymer ETHANOL 'C2 H6 O'
GOL non-polymer GLYCEROL 'C3 H8 O3'
IOD non-polymer 'IODIDE ION' 'I -1'
IPA non-polymer 'ISOPROPYL ALCOHOL' 'C3 H8 O'
MOH non-polymer METHANOL 'C H4 O'
NA non-polymer 'SODIUM ION' 'Na 1'
PDO non-polymer 1,3-PROPANDIOL 'C3 H8 O2'
PEG non-polymer DI(HYDROXYETHYL)ETHER 'C4 H10 O3'
PG0 non-polymer 2-(2-METHOXYETHOXY)ETHANOL 'C5 H12 O3'
PGE non-polymer 'TRIETHYLENE GLYCOL' 'C6 H14 O4'
PGR non-polymer R-1,2-PROPANEDIOL 'C3 H8 O2'
POL non-polymer N-PROPANOL 'C3 H8 O'
#
# COMPACT_ATOMS: atom_id res chain seq x y z
N ASN A 19 -5.70 -2.91 -9.91
CA ASN A 19 -6.00 -1.69 -10.64
C ASN A 19 -4.72 -0.88 -10.90
N PHE A 20 -3.80 -1.50 -11.62
CA PHE A 20 -2.55 -0.89 -12.03
C PHE A 20 -2.53 -0.73 -13.55
N ILE A 21 -2.01 0.42 -14.04
CA ILE A 21 -1.82 0.68 -15.47
C ILE A 21 -0.33 0.83 -15.76
N CYS A 22 -0.01 0.90 -17.05
CA CYS A 22 1.38 1.03 -17.48
C CYS A 22 1.67 2.47 -17.89
N VAL A 23 2.84 2.97 -17.48
CA VAL A 23 3.35 4.32 -17.70
C VAL A 23 4.88 4.30 -17.69
N ASP A 24 5.48 4.67 -18.83
CA ASP A 24 6.94 4.71 -18.96
C ASP A 24 7.55 3.36 -18.62
N ASP A 25 6.82 2.29 -18.92
CA ASP A 25 7.25 0.93 -18.58
C ASP A 25 7.25 0.70 -17.07
N ARG A 26 6.31 1.34 -16.37
CA ARG A 26 6.16 1.21 -14.92
C ARG A 26 4.68 1.05 -14.59
N LEU A 27 4.41 0.48 -13.42
CA LEU A 27 3.05 0.21 -12.96
C LEU A 27 2.66 1.23 -11.91
N PHE A 28 1.51 1.88 -12.12
CA PHE A 28 1.01 2.95 -11.27
C PHE A 28 -0.42 2.66 -10.86
N SER A 29 -0.76 3.03 -9.63
CA SER A 29 -2.11 2.91 -9.12
C SER A 29 -2.53 4.27 -8.58
N TYR A 30 -3.82 4.41 -8.25
CA TYR A 30 -4.35 5.68 -7.77
C TYR A 30 -5.18 5.45 -6.52
N ASN A 31 -5.05 6.38 -5.58
CA ASN A 31 -5.82 6.36 -4.31
C ASN A 31 -6.42 7.75 -4.12
N PHE A 32 -7.57 7.85 -3.46
CA PHE A 32 -8.13 9.20 -3.24
C PHE A 32 -8.93 9.24 -1.95
N THR A 33 -9.43 10.43 -1.62
CA THR A 33 -10.26 10.68 -0.42
C THR A 33 -10.99 12.02 -0.62
N THR A 34 -10.95 12.90 0.38
CA THR A 34 -11.55 14.25 0.27
C THR A 34 -10.43 15.29 0.22
N SER A 35 -9.18 14.82 0.06
CA SER A 35 -7.98 15.69 0.00
C SER A 35 -7.50 15.77 -1.45
N GLY A 36 -7.14 14.63 -2.04
CA GLY A 36 -6.69 14.63 -3.44
C GLY A 36 -6.45 13.25 -4.01
N ILE A 37 -6.11 13.17 -5.29
CA ILE A 37 -5.78 11.87 -5.92
C ILE A 37 -4.27 11.79 -5.99
N LYS A 38 -3.71 10.73 -5.44
CA LYS A 38 -2.28 10.50 -5.46
C LYS A 38 -2.03 9.23 -6.26
N ALA A 39 -0.91 9.20 -6.98
CA ALA A 39 -0.47 8.02 -7.71
C ALA A 39 0.66 7.34 -6.95
N LYS A 40 0.70 6.02 -7.03
CA LYS A 40 1.76 5.25 -6.41
C LYS A 40 2.29 4.21 -7.39
N VAL A 41 3.59 3.93 -7.30
CA VAL A 41 4.27 3.05 -8.26
C VAL A 41 4.67 1.77 -7.55
N ALA A 42 4.63 0.65 -8.28
CA ALA A 42 4.96 -0.66 -7.73
C ALA A 42 6.45 -0.90 -7.92
N VAL A 43 7.14 -1.27 -6.84
CA VAL A 43 8.58 -1.48 -6.90
C VAL A 43 8.89 -2.86 -6.34
N ASP A 44 10.06 -3.37 -6.73
CA ASP A 44 10.52 -4.63 -6.18
C ASP A 44 11.23 -4.37 -4.84
N ASN A 45 11.77 -5.43 -4.25
CA ASN A 45 12.29 -5.24 -2.91
C ASN A 45 13.60 -4.48 -2.90
N LYS A 46 14.10 -4.11 -4.08
CA LYS A 46 15.25 -3.21 -4.21
C LYS A 46 14.82 -1.81 -4.64
N ASN A 47 13.51 -1.53 -4.59
CA ASN A 47 12.93 -0.26 -5.01
C ASN A 47 13.08 -0.02 -6.50
N VAL A 48 13.38 -1.06 -7.27
CA VAL A 48 13.37 -0.93 -8.72
C VAL A 48 11.93 -1.15 -9.17
N PRO A 49 11.32 -0.20 -9.89
CA PRO A 49 9.96 -0.42 -10.38
C PRO A 49 9.86 -1.68 -11.24
N ILE A 50 8.68 -2.29 -11.18
CA ILE A 50 8.39 -3.58 -11.77
C ILE A 50 8.01 -3.35 -13.23
N PRO A 51 8.64 -4.08 -14.19
CA PRO A 51 8.30 -3.89 -15.61
C PRO A 51 6.80 -4.02 -15.87
N CYS A 52 6.33 -3.37 -16.93
CA CYS A 52 4.96 -3.63 -17.38
C CYS A 52 4.81 -5.06 -17.89
N SER A 53 5.92 -5.73 -18.23
CA SER A 53 5.91 -7.15 -18.62
C SER A 53 5.41 -8.06 -17.51
N LYS A 54 5.16 -7.53 -16.31
CA LYS A 54 4.57 -8.32 -15.23
C LYS A 54 3.24 -7.74 -14.75
N ILE A 55 2.58 -6.96 -15.60
CA ILE A 55 1.35 -6.27 -15.19
C ILE A 55 0.26 -7.25 -14.79
N ASN A 56 0.25 -8.45 -15.35
CA ASN A 56 -0.83 -9.39 -15.08
C ASN A 56 -0.76 -9.93 -13.66
N GLU A 57 0.43 -10.36 -13.24
CA GLU A 57 0.65 -10.92 -11.87
C GLU A 57 0.40 -9.83 -10.83
N VAL A 58 0.94 -8.65 -11.05
CA VAL A 58 0.74 -7.54 -10.11
C VAL A 58 -0.75 -7.30 -9.87
N ASN A 59 -1.54 -7.37 -10.92
CA ASN A 59 -3.00 -7.14 -10.78
C ASN A 59 -3.68 -8.32 -10.09
N ASN A 60 -3.19 -9.54 -10.29
CA ASN A 60 -3.80 -10.74 -9.62
C ASN A 60 -3.28 -10.81 -8.18
N ASN A 61 -1.96 -10.81 -8.01
CA ASN A 61 -1.31 -10.87 -6.67
C ASN A 61 -0.82 -9.46 -6.34
N LYS A 62 -1.69 -8.64 -5.76
CA LYS A 62 -1.42 -7.20 -5.49
C LYS A 62 -0.66 -6.94 -4.19
N ASP A 63 0.11 -7.89 -3.66
CA ASP A 63 0.88 -7.63 -2.42
C ASP A 63 2.26 -7.06 -2.81
N VAL A 64 2.31 -5.88 -3.41
CA VAL A 64 3.63 -5.35 -3.87
C VAL A 64 3.94 -4.05 -3.15
N ASP A 65 5.24 -3.72 -3.08
CA ASP A 65 5.71 -2.47 -2.46
C ASP A 65 5.20 -1.32 -3.32
N THR A 66 4.64 -0.30 -2.69
CA THR A 66 4.12 0.85 -3.41
C THR A 66 4.68 2.11 -2.79
N LEU A 67 5.08 3.05 -3.65
CA LEU A 67 5.70 4.32 -3.28
C LEU A 67 4.91 5.44 -3.94
N TYR A 68 4.37 6.32 -3.11
CA TYR A 68 3.58 7.44 -3.62
C TYR A 68 4.46 8.43 -4.34
N CYS A 69 3.93 8.98 -5.43
CA CYS A 69 4.53 10.14 -6.06
C CYS A 69 4.82 11.23 -5.03
N ASP A 70 6.05 11.75 -5.08
CA ASP A 70 6.50 12.82 -4.19
C ASP A 70 7.76 13.49 -4.73
N LYS A 71 7.77 14.82 -4.79
CA LYS A 71 8.95 15.55 -5.24
C LYS A 71 10.18 15.16 -4.42
N ASP A 72 9.99 14.88 -3.13
CA ASP A 72 11.07 14.57 -2.21
C ASP A 72 11.62 13.14 -2.33
N ARG A 73 10.92 12.23 -3.00
CA ARG A 73 11.48 10.91 -3.23
C ARG A 73 12.50 11.00 -4.36
N ASP A 74 13.72 10.56 -4.10
CA ASP A 74 14.79 10.78 -5.05
C ASP A 74 15.41 9.50 -5.58
N ASP A 75 15.00 8.33 -5.09
CA ASP A 75 15.72 7.10 -5.42
C ASP A 75 15.16 6.37 -6.64
N ILE A 76 14.24 7.01 -7.38
CA ILE A 76 13.70 6.46 -8.61
C ILE A 76 13.89 7.49 -9.70
N PRO A 77 14.68 7.23 -10.74
CA PRO A 77 14.99 8.26 -11.74
C PRO A 77 13.84 8.52 -12.70
N GLY A 78 13.62 9.79 -13.00
CA GLY A 78 12.48 10.20 -13.78
C GLY A 78 11.14 10.02 -13.09
N PHE A 79 11.14 9.84 -11.77
CA PHE A 79 9.91 9.56 -11.04
C PHE A 79 8.91 10.70 -11.19
N ALA A 80 9.39 11.95 -11.15
CA ALA A 80 8.50 13.10 -11.27
C ALA A 80 7.86 13.16 -12.63
N ARG A 81 8.60 12.81 -13.68
CA ARG A 81 8.08 12.81 -15.04
C ARG A 81 7.05 11.68 -15.23
N SER A 82 7.33 10.49 -14.68
CA SER A 82 6.37 9.39 -14.82
C SER A 82 5.09 9.68 -14.05
N CYS A 83 5.20 10.34 -12.89
CA CYS A 83 4.02 10.69 -12.10
C CYS A 83 3.18 11.76 -12.79
N TYR A 84 3.83 12.79 -13.32
CA TYR A 84 3.10 13.79 -14.08
C TYR A 84 2.34 13.14 -15.23
N ARG A 85 3.00 12.20 -15.91
CA ARG A 85 2.37 11.47 -17.03
C ARG A 85 1.14 10.73 -16.50
N ALA A 86 1.29 10.03 -15.38
CA ALA A 86 0.19 9.29 -14.79
C ALA A 86 -1.00 10.20 -14.47
N TYR A 87 -0.72 11.38 -13.90
CA TYR A 87 -1.82 12.30 -13.61
C TYR A 87 -2.42 12.85 -14.90
N SER A 88 -1.58 13.17 -15.89
CA SER A 88 -2.06 13.60 -17.21
C SER A 88 -3.02 12.58 -17.79
N ASP A 89 -2.63 11.31 -17.78
CA ASP A 89 -3.42 10.29 -18.45
C ASP A 89 -4.79 10.13 -17.83
N LEU A 90 -5.03 10.87 -16.75
CA LEU A 90 -6.36 10.85 -16.13
C LEU A 90 -7.23 11.94 -16.76
N PHE A 91 -6.65 12.70 -17.71
CA PHE A 91 -7.39 13.78 -18.41
C PHE A 91 -7.30 13.62 -19.94
N PHE A 92 -6.08 13.53 -20.48
CA PHE A 92 -5.81 13.45 -21.93
C PHE A 92 -5.77 12.02 -22.47
N THR A 93 -6.72 11.17 -22.07
CA THR A 93 -6.72 9.74 -22.51
C THR A 93 -7.07 9.63 -24.00
N LYS B 18 -5.93 -3.53 8.81
CA LYS B 18 -6.19 -2.28 8.10
C LYS B 18 -5.44 -1.13 8.76
N ASN B 19 -5.54 -1.08 10.09
CA ASN B 19 -4.84 -0.06 10.86
C ASN B 19 -3.38 -0.44 11.07
N PHE B 20 -2.54 0.57 11.21
CA PHE B 20 -1.16 0.30 11.59
C PHE B 20 -1.06 0.19 13.09
N ILE B 21 -0.14 -0.66 13.55
CA ILE B 21 0.16 -0.81 14.97
C ILE B 21 1.68 -0.77 15.14
N CYS B 22 2.11 -0.42 16.35
CA CYS B 22 3.52 -0.33 16.65
C CYS B 22 4.07 -1.68 17.08
N VAL B 23 5.17 -2.06 16.46
CA VAL B 23 5.90 -3.29 16.78
C VAL B 23 7.36 -3.00 16.56
N ASP B 24 8.17 -3.20 17.60
CA ASP B 24 9.61 -3.03 17.50
C ASP B 24 9.99 -1.64 17.01
N ASP B 25 9.26 -0.63 17.50
CA ASP B 25 9.55 0.78 17.22
C ASP B 25 9.16 1.17 15.81
N ARG B 26 8.35 0.38 15.13
CA ARG B 26 7.98 0.67 13.76
C ARG B 26 6.50 0.46 13.61
N LEU B 27 5.93 1.00 12.52
CA LEU B 27 4.50 0.91 12.23
C LEU B 27 4.25 -0.16 11.17
N PHE B 28 3.39 -1.13 11.51
CA PHE B 28 3.14 -2.32 10.71
C PHE B 28 1.65 -2.46 10.44
N SER B 29 1.29 -2.77 9.19
CA SER B 29 -0.05 -3.21 8.85
C SER B 29 0.00 -4.64 8.29
N TYR B 30 -1.07 -5.38 8.50
CA TYR B 30 -1.12 -6.80 8.04
C TYR B 30 -2.18 -6.91 6.95
N ASN B 31 -1.95 -7.82 6.00
CA ASN B 31 -2.90 -8.07 4.88
C ASN B 31 -2.98 -9.58 4.64
N PHE B 32 -4.13 -10.04 4.16
CA PHE B 32 -4.29 -11.45 3.71
C PHE B 32 -3.97 -11.42 2.23
N THR B 33 -3.06 -12.25 1.76
CA THR B 33 -2.69 -12.23 0.32
C THR B 33 -2.79 -13.66 -0.23
N THR B 34 -2.11 -13.92 -1.33
CA THR B 34 -2.10 -15.29 -1.91
C THR B 34 -1.16 -16.14 -1.06
N SER B 35 -0.01 -15.56 -0.69
CA SER B 35 1.03 -16.26 0.11
C SER B 35 0.81 -16.14 1.62
N GLY B 36 -0.43 -16.04 2.09
CA GLY B 36 -0.74 -16.00 3.53
C GLY B 36 -0.78 -14.60 4.13
N ILE B 37 -0.50 -14.50 5.43
CA ILE B 37 -0.53 -13.19 6.14
C ILE B 37 0.83 -12.51 6.00
N LYS B 38 0.82 -11.31 5.44
CA LYS B 38 2.06 -10.56 5.28
C LYS B 38 1.95 -9.24 6.04
N ALA B 39 3.11 -8.76 6.50
CA ALA B 39 3.22 -7.50 7.19
C ALA B 39 4.06 -6.53 6.36
N LYS B 40 3.69 -5.25 6.42
CA LYS B 40 4.40 -4.21 5.70
C LYS B 40 4.60 -2.99 6.61
N VAL B 41 5.70 -2.29 6.39
CA VAL B 41 6.08 -1.19 7.24
C VAL B 41 5.81 0.12 6.53
N ALA B 42 5.35 1.11 7.30
CA ALA B 42 5.19 2.47 6.81
C ALA B 42 6.54 3.18 6.82
N VAL B 43 6.89 3.81 5.70
CA VAL B 43 8.16 4.51 5.58
C VAL B 43 7.92 5.89 4.99
N ASP B 44 8.91 6.76 5.15
CA ASP B 44 8.81 8.06 4.53
C ASP B 44 9.45 8.02 3.15
N ASN B 45 9.55 9.19 2.53
CA ASN B 45 10.06 9.36 1.14
C ASN B 45 11.54 9.02 1.04
N LYS B 46 12.20 8.83 2.17
CA LYS B 46 13.61 8.43 2.19
C LYS B 46 13.77 6.95 2.51
N ASN B 47 12.66 6.21 2.58
CA ASN B 47 12.63 4.81 2.99
C ASN B 47 12.99 4.64 4.46
N VAL B 48 12.75 5.66 5.27
CA VAL B 48 12.99 5.58 6.71
C VAL B 48 11.68 5.29 7.42
N PRO B 49 11.60 4.24 8.24
CA PRO B 49 10.36 3.92 8.95
C PRO B 49 9.82 5.12 9.71
N ILE B 50 8.54 5.38 9.55
CA ILE B 50 7.87 6.47 10.27
C ILE B 50 7.81 6.11 11.76
N PRO B 51 8.19 7.02 12.65
CA PRO B 51 8.19 6.69 14.09
C PRO B 51 6.78 6.41 14.59
N CYS B 52 6.71 5.54 15.60
CA CYS B 52 5.42 5.22 16.21
C CYS B 52 4.79 6.42 16.89
N SER B 53 5.58 7.45 17.23
CA SER B 53 5.00 8.66 17.76
C SER B 53 4.15 9.40 16.72
N LYS B 54 4.17 8.96 15.46
CA LYS B 54 3.23 9.44 14.45
C LYS B 54 2.12 8.43 14.16
N ILE B 55 1.86 7.49 15.09
CA ILE B 55 0.88 6.45 14.80
C ILE B 55 -0.50 7.02 14.54
N ASN B 56 -0.82 8.21 15.09
CA ASN B 56 -2.13 8.76 14.78
C ASN B 56 -2.16 9.40 13.39
N GLU B 57 -1.12 10.14 13.02
CA GLU B 57 -1.03 10.66 11.66
C GLU B 57 -1.21 9.55 10.63
N VAL B 58 -0.52 8.43 10.83
CA VAL B 58 -0.53 7.38 9.82
C VAL B 58 -1.91 6.73 9.74
N ASN B 59 -2.54 6.49 10.89
CA ASN B 59 -3.83 5.84 10.89
C ASN B 59 -4.95 6.77 10.42
N ASN B 60 -4.71 8.07 10.31
CA ASN B 60 -5.74 8.99 9.87
C ASN B 60 -5.30 9.82 8.66
N ASN B 61 -4.20 9.43 8.01
CA ASN B 61 -3.69 10.06 6.79
C ASN B 61 -2.92 8.97 6.05
N LYS B 62 -3.60 7.85 5.79
CA LYS B 62 -2.93 6.63 5.39
C LYS B 62 -2.84 6.53 3.87
N ASP B 63 -2.05 7.44 3.31
CA ASP B 63 -1.44 7.26 2.00
C ASP B 63 0.07 7.30 2.21
N VAL B 64 0.57 6.30 2.95
CA VAL B 64 1.99 6.21 3.26
C VAL B 64 2.61 5.17 2.35
N ASP B 65 3.89 5.38 2.04
CA ASP B 65 4.68 4.35 1.41
C ASP B 65 4.73 3.13 2.33
N THR B 66 4.57 1.95 1.75
CA THR B 66 4.60 0.73 2.53
C THR B 66 5.48 -0.29 1.80
N LEU B 67 6.27 -1.02 2.60
CA LEU B 67 7.27 -1.95 2.11
C LEU B 67 7.01 -3.26 2.81
N TYR B 68 6.78 -4.31 2.03
CA TYR B 68 6.47 -5.59 2.62
C TYR B 68 7.71 -6.20 3.21
N CYS B 69 7.50 -6.94 4.31
CA CYS B 69 8.54 -7.78 4.89
C CYS B 69 9.04 -8.78 3.84
N ASP B 70 10.36 -8.91 3.76
CA ASP B 70 10.98 -9.75 2.73
C ASP B 70 12.47 -9.89 3.01
N LYS B 71 12.99 -11.11 2.95
CA LYS B 71 14.40 -11.32 3.28
C LYS B 71 15.31 -10.57 2.33
N ASP B 72 14.89 -10.40 1.07
CA ASP B 72 15.73 -9.74 0.10
C ASP B 72 15.71 -8.22 0.15
N ARG B 73 14.87 -7.58 0.98
CA ARG B 73 14.98 -6.13 1.13
C ARG B 73 16.14 -5.84 2.09
N ASP B 74 17.05 -4.97 1.66
CA ASP B 74 18.29 -4.73 2.36
C ASP B 74 18.49 -3.29 2.79
N ASP B 75 17.60 -2.37 2.43
CA ASP B 75 17.85 -0.96 2.73
C ASP B 75 17.19 -0.50 4.03
N ILE B 76 16.68 -1.39 4.86
CA ILE B 76 16.15 -1.02 6.16
C ILE B 76 16.90 -1.81 7.24
N PRO B 77 17.65 -1.14 8.12
CA PRO B 77 18.42 -1.88 9.12
C PRO B 77 17.51 -2.53 10.16
N GLY B 78 17.87 -3.76 10.55
CA GLY B 78 17.07 -4.57 11.45
C GLY B 78 15.68 -4.91 10.95
N PHE B 79 15.44 -4.83 9.64
CA PHE B 79 14.11 -5.11 9.10
C PHE B 79 13.70 -6.57 9.37
N ALA B 80 14.65 -7.49 9.21
CA ALA B 80 14.36 -8.90 9.49
C ALA B 80 13.96 -9.11 10.94
N ARG B 81 14.66 -8.44 11.88
CA ARG B 81 14.28 -8.59 13.29
C ARG B 81 12.90 -7.98 13.57
N SER B 82 12.57 -6.85 12.94
CA SER B 82 11.25 -6.24 13.20
C SER B 82 10.12 -7.05 12.58
N CYS B 83 10.35 -7.58 11.37
CA CYS B 83 9.34 -8.41 10.72
C CYS B 83 9.06 -9.66 11.53
N TYR B 84 10.12 -10.33 12.01
CA TYR B 84 9.93 -11.46 12.92
C TYR B 84 9.05 -11.07 14.11
N ARG B 85 9.34 -9.94 14.75
CA ARG B 85 8.54 -9.55 15.89
C ARG B 85 7.11 -9.23 15.48
N ALA B 86 6.94 -8.63 14.29
CA ALA B 86 5.60 -8.36 13.79
C ALA B 86 4.81 -9.65 13.64
N TYR B 87 5.44 -10.69 13.09
CA TYR B 87 4.70 -11.94 12.88
C TYR B 87 4.49 -12.65 14.20
N SER B 88 5.51 -12.64 15.05
CA SER B 88 5.44 -13.26 16.37
C SER B 88 4.29 -12.68 17.19
N ASP B 89 4.20 -11.35 17.22
CA ASP B 89 3.20 -10.70 18.08
C ASP B 89 1.79 -11.03 17.64
N LEU B 90 1.52 -10.95 16.32
CA LEU B 90 0.22 -11.35 15.81
C LEU B 90 -0.04 -12.82 16.09
N PHE B 91 0.98 -13.64 15.86
CA PHE B 91 0.90 -15.09 16.03
C PHE B 91 0.58 -15.51 17.45
N PHE B 92 0.57 -14.58 18.41
CA PHE B 92 0.34 -14.93 19.81
C PHE B 92 -0.86 -14.27 20.48
N THR B 93 -1.36 -13.15 19.97
CA THR B 93 -2.45 -12.44 20.65
C THR B 93 -3.84 -12.77 20.09
N ASN C 19 0.53 -26.90 16.91
CA ASN C 19 -0.65 -27.77 17.10
C ASN C 19 -1.59 -27.60 15.90
N PHE C 20 -2.36 -28.63 15.59
CA PHE C 20 -3.31 -28.56 14.45
C PHE C 20 -4.72 -28.26 14.98
N ILE C 21 -5.47 -27.48 14.22
CA ILE C 21 -6.88 -27.15 14.56
C ILE C 21 -7.76 -27.56 13.38
N CYS C 22 -9.02 -27.81 13.65
CA CYS C 22 -9.95 -28.18 12.60
C CYS C 22 -10.54 -26.91 11.97
N VAL C 23 -10.23 -26.69 10.69
CA VAL C 23 -10.85 -25.63 9.92
C VAL C 23 -11.48 -26.25 8.68
N ASP C 24 -12.77 -25.93 8.44
CA ASP C 24 -13.45 -26.33 7.21
C ASP C 24 -13.36 -27.84 6.99
N ASP C 25 -13.53 -28.59 8.10
CA ASP C 25 -13.45 -30.06 8.14
C ASP C 25 -12.05 -30.59 7.83
N ARG C 26 -11.01 -29.79 8.00
CA ARG C 26 -9.64 -30.18 7.66
C ARG C 26 -8.70 -29.78 8.80
N LEU C 27 -7.52 -30.40 8.85
CA LEU C 27 -6.56 -30.15 9.92
C LEU C 27 -5.51 -29.15 9.47
N PHE C 28 -5.53 -27.94 10.06
CA PHE C 28 -4.58 -26.90 9.65
C PHE C 28 -3.61 -26.56 10.78
N SER C 29 -2.38 -26.27 10.39
CA SER C 29 -1.37 -25.79 11.32
C SER C 29 -0.76 -24.54 10.72
N TYR C 30 -0.25 -23.67 11.60
CA TYR C 30 0.31 -22.38 11.19
C TYR C 30 1.76 -22.27 11.63
N ASN C 31 2.51 -21.59 10.77
CA ASN C 31 3.97 -21.43 10.89
C ASN C 31 4.36 -20.01 10.46
N PHE C 32 5.44 -19.48 10.99
CA PHE C 32 5.82 -18.15 10.51
C PHE C 32 7.33 -18.08 10.28
N THR C 33 7.68 -17.54 9.13
CA THR C 33 9.09 -17.28 8.75
C THR C 33 9.23 -15.76 8.64
N THR C 34 10.22 -15.27 7.89
CA THR C 34 10.28 -13.81 7.74
C THR C 34 9.49 -13.41 6.48
N SER C 35 9.04 -14.41 5.71
CA SER C 35 8.22 -14.24 4.48
C SER C 35 6.72 -14.28 4.84
N GLY C 36 6.38 -14.27 6.14
CA GLY C 36 4.97 -14.21 6.51
C GLY C 36 4.44 -15.41 7.24
N ILE C 37 3.15 -15.37 7.56
CA ILE C 37 2.46 -16.47 8.27
C ILE C 37 1.71 -17.27 7.22
N LYS C 38 2.03 -18.55 7.11
CA LYS C 38 1.35 -19.45 6.19
C LYS C 38 0.71 -20.59 6.96
N ALA C 39 -0.42 -21.05 6.41
CA ALA C 39 -1.14 -22.21 6.92
C ALA C 39 -0.81 -23.43 6.06
N LYS C 40 -0.79 -24.61 6.67
CA LYS C 40 -0.55 -25.85 5.95
C LYS C 40 -1.54 -26.92 6.42
N VAL C 41 -1.89 -27.83 5.49
CA VAL C 41 -2.88 -28.86 5.75
C VAL C 41 -2.19 -30.21 5.86
N ALA C 42 -2.69 -31.04 6.78
CA ALA C 42 -2.16 -32.37 6.99
C ALA C 42 -2.86 -33.35 6.05
N VAL C 43 -2.08 -34.11 5.28
CA VAL C 43 -2.66 -34.99 4.26
C VAL C 43 -2.10 -36.39 4.47
N ASP C 44 -2.82 -37.37 3.92
CA ASP C 44 -2.38 -38.75 4.00
C ASP C 44 -1.45 -39.03 2.82
N ASN C 45 -1.08 -40.29 2.59
CA ASN C 45 -0.02 -40.52 1.62
C ASN C 45 -0.57 -40.48 0.21
N LYS C 46 -1.86 -40.19 0.05
CA LYS C 46 -2.46 -39.95 -1.24
C LYS C 46 -2.79 -38.51 -1.47
N ASN C 47 -2.21 -37.65 -0.66
CA ASN C 47 -2.48 -36.23 -0.66
C ASN C 47 -3.94 -35.94 -0.39
N VAL C 48 -4.62 -36.77 0.39
CA VAL C 48 -6.02 -36.49 0.78
C VAL C 48 -5.99 -35.94 2.20
N PRO C 49 -6.61 -34.78 2.46
CA PRO C 49 -6.57 -34.20 3.81
C PRO C 49 -7.03 -35.20 4.85
N ILE C 50 -6.25 -35.33 5.91
CA ILE C 50 -6.61 -36.24 7.01
C ILE C 50 -7.83 -35.68 7.73
N PRO C 51 -8.87 -36.47 7.98
CA PRO C 51 -10.10 -35.89 8.53
C PRO C 51 -9.93 -35.50 10.00
N CYS C 52 -10.80 -34.58 10.43
CA CYS C 52 -10.67 -34.02 11.77
C CYS C 52 -10.96 -35.04 12.85
N SER C 53 -11.59 -36.16 12.53
CA SER C 53 -11.77 -37.20 13.54
C SER C 53 -10.43 -37.73 14.04
N LYS C 54 -9.35 -37.47 13.32
CA LYS C 54 -8.03 -37.92 13.75
C LYS C 54 -7.21 -36.82 14.43
N ILE C 55 -7.84 -35.72 14.86
CA ILE C 55 -7.07 -34.59 15.36
C ILE C 55 -6.19 -35.00 16.53
N ASN C 56 -6.65 -35.96 17.33
CA ASN C 56 -5.89 -36.39 18.48
C ASN C 56 -4.63 -37.15 18.06
N GLU C 57 -4.77 -38.06 17.09
CA GLU C 57 -3.61 -38.80 16.61
C GLU C 57 -2.58 -37.85 16.02
N VAL C 58 -3.04 -36.93 15.17
CA VAL C 58 -2.14 -36.00 14.49
C VAL C 58 -1.41 -35.10 15.47
N ASN C 59 -2.07 -34.70 16.56
CA ASN C 59 -1.42 -33.74 17.46
C ASN C 59 -0.41 -34.40 18.38
N ASN C 60 -0.53 -35.70 18.65
CA ASN C 60 0.43 -36.41 19.48
C ASN C 60 1.54 -37.07 18.67
N ASN C 61 1.25 -37.47 17.43
CA ASN C 61 2.24 -38.06 16.53
C ASN C 61 2.41 -37.13 15.33
N LYS C 62 3.06 -35.99 15.57
CA LYS C 62 3.32 -35.04 14.48
C LYS C 62 4.41 -35.64 13.60
N ASP C 63 3.97 -36.40 12.61
CA ASP C 63 4.81 -37.02 11.60
C ASP C 63 3.92 -37.14 10.38
N VAL C 64 3.24 -36.05 10.02
CA VAL C 64 2.25 -36.09 8.95
C VAL C 64 2.75 -35.24 7.79
N ASP C 65 2.48 -35.73 6.59
CA ASP C 65 2.61 -34.92 5.39
C ASP C 65 1.81 -33.62 5.55
N THR C 66 2.41 -32.52 5.12
CA THR C 66 1.79 -31.21 5.22
C THR C 66 2.03 -30.46 3.93
N LEU C 67 0.99 -29.77 3.44
CA LEU C 67 1.02 -29.01 2.21
C LEU C 67 0.56 -27.59 2.51
N TYR C 68 1.36 -26.61 2.08
CA TYR C 68 1.05 -25.21 2.37
C TYR C 68 -0.02 -24.68 1.42
N CYS C 69 -0.87 -23.83 1.98
CA CYS C 69 -1.77 -23.00 1.20
C CYS C 69 -1.03 -22.35 0.03
N ASP C 70 -1.62 -22.42 -1.17
CA ASP C 70 -0.98 -21.92 -2.38
C ASP C 70 -1.93 -21.92 -3.57
N LYS C 71 -2.01 -20.78 -4.25
CA LYS C 71 -2.87 -20.64 -5.42
C LYS C 71 -2.59 -21.75 -6.44
N ASP C 72 -1.33 -22.04 -6.64
CA ASP C 72 -0.93 -22.97 -7.68
C ASP C 72 -1.05 -24.44 -7.27
N ARG C 73 -1.45 -24.72 -6.04
CA ARG C 73 -1.70 -26.16 -5.73
C ARG C 73 -3.10 -26.46 -6.24
N ASP C 74 -3.28 -27.52 -7.02
CA ASP C 74 -4.61 -27.77 -7.62
C ASP C 74 -5.08 -29.21 -7.40
N ASP C 75 -4.42 -29.99 -6.53
CA ASP C 75 -4.83 -31.41 -6.35
C ASP C 75 -5.68 -31.58 -5.09
N ILE C 76 -6.07 -30.49 -4.45
CA ILE C 76 -6.91 -30.57 -3.26
C ILE C 76 -8.19 -29.79 -3.50
N PRO C 77 -9.35 -30.43 -3.56
CA PRO C 77 -10.56 -29.68 -3.89
C PRO C 77 -10.93 -28.69 -2.80
N GLY C 78 -11.39 -27.52 -3.22
CA GLY C 78 -11.71 -26.45 -2.29
C GLY C 78 -10.55 -25.91 -1.49
N PHE C 79 -9.32 -26.21 -1.87
CA PHE C 79 -8.17 -25.79 -1.05
C PHE C 79 -8.17 -24.29 -0.86
N ALA C 80 -8.49 -23.53 -1.91
CA ALA C 80 -8.47 -22.07 -1.79
C ALA C 80 -9.50 -21.59 -0.77
N ARG C 81 -10.68 -22.22 -0.73
CA ARG C 81 -11.66 -21.83 0.27
C ARG C 81 -11.22 -22.20 1.68
N SER C 82 -10.74 -23.45 1.87
CA SER C 82 -10.23 -23.87 3.18
C SER C 82 -9.13 -22.95 3.69
N CYS C 83 -8.24 -22.52 2.80
CA CYS C 83 -7.16 -21.66 3.23
C CYS C 83 -7.69 -20.27 3.61
N TYR C 84 -8.61 -19.73 2.81
CA TYR C 84 -9.19 -18.44 3.15
C TYR C 84 -9.76 -18.47 4.57
N ARG C 85 -10.43 -19.57 4.93
CA ARG C 85 -11.03 -19.65 6.25
C ARG C 85 -9.97 -19.81 7.33
N ALA C 86 -8.89 -20.53 7.04
CA ALA C 86 -7.87 -20.72 8.07
C ALA C 86 -7.20 -19.40 8.43
N TYR C 87 -7.06 -18.52 7.45
CA TYR C 87 -6.46 -17.19 7.71
C TYR C 87 -7.50 -16.30 8.39
N SER C 88 -8.70 -16.28 7.84
CA SER C 88 -9.83 -15.47 8.36
C SER C 88 -10.11 -15.85 9.80
N ASP C 89 -10.15 -17.15 10.11
CA ASP C 89 -10.50 -17.59 11.49
C ASP C 89 -9.38 -17.27 12.50
N LEU C 90 -8.16 -17.04 12.07
CA LEU C 90 -7.06 -16.72 13.02
C LEU C 90 -6.73 -15.23 12.96
N PHE C 91 -6.94 -14.59 11.81
CA PHE C 91 -6.58 -13.16 11.68
C PHE C 91 -7.83 -12.28 11.82
N PHE C 92 -8.78 -12.69 12.65
CA PHE C 92 -10.03 -11.93 12.94
C PHE C 92 -10.59 -12.40 14.28
N LYS D 18 -8.01 24.85 -15.23
CA LYS D 18 -8.58 24.87 -16.60
C LYS D 18 -10.01 25.42 -16.57
N ASN D 19 -10.96 24.64 -17.07
CA ASN D 19 -12.38 25.09 -17.10
C ASN D 19 -13.12 24.52 -15.88
N PHE D 20 -14.07 25.28 -15.35
CA PHE D 20 -14.86 24.83 -14.19
C PHE D 20 -15.98 23.90 -14.67
N ILE D 21 -16.27 22.85 -13.92
CA ILE D 21 -17.38 21.91 -14.26
C ILE D 21 -18.20 21.68 -13.00
N CYS D 22 -19.46 21.29 -13.17
CA CYS D 22 -20.36 21.05 -12.07
C CYS D 22 -20.16 19.64 -11.53
N VAL D 23 -20.09 19.52 -10.21
CA VAL D 23 -20.15 18.24 -9.51
C VAL D 23 -20.86 18.47 -8.20
N ASP D 24 -21.88 17.65 -7.93
CA ASP D 24 -22.68 17.68 -6.68
C ASP D 24 -23.23 19.08 -6.46
N ASP D 25 -23.64 19.74 -7.54
CA ASP D 25 -24.26 21.09 -7.54
C ASP D 25 -23.26 22.18 -7.14
N ARG D 26 -21.96 21.92 -7.32
CA ARG D 26 -20.89 22.88 -6.98
C ARG D 26 -19.95 22.99 -8.17
N LEU D 27 -19.18 24.07 -8.21
CA LEU D 27 -18.30 24.39 -9.33
C LEU D 27 -16.84 24.07 -8.94
N PHE D 28 -16.29 23.03 -9.57
CA PHE D 28 -14.95 22.56 -9.26
C PHE D 28 -14.02 22.76 -10.45
N SER D 29 -12.72 22.81 -10.15
CA SER D 29 -11.67 22.85 -11.15
C SER D 29 -10.51 22.03 -10.60
N TYR D 30 -9.74 21.43 -11.50
CA TYR D 30 -8.63 20.53 -11.11
C TYR D 30 -7.27 21.07 -11.55
N ASN D 31 -6.24 20.79 -10.76
CA ASN D 31 -4.82 21.15 -10.98
C ASN D 31 -3.97 19.92 -10.62
N PHE D 32 -2.82 19.73 -11.25
CA PHE D 32 -2.08 18.50 -10.87
C PHE D 32 -0.56 18.65 -10.79
N THR D 33 0.05 17.57 -10.30
CA THR D 33 1.49 17.34 -10.02
C THR D 33 2.02 18.26 -8.93
N THR D 34 1.89 17.78 -7.71
CA THR D 34 2.42 18.39 -6.46
C THR D 34 2.20 17.34 -5.38
N SER D 35 0.99 17.37 -4.82
CA SER D 35 0.49 16.33 -3.88
C SER D 35 -0.53 15.50 -4.66
N GLY D 36 -0.38 15.46 -5.99
CA GLY D 36 -1.25 14.72 -6.91
C GLY D 36 -2.28 15.60 -7.59
N ILE D 37 -3.46 15.05 -7.88
CA ILE D 37 -4.54 15.86 -8.49
C ILE D 37 -5.40 16.42 -7.36
N LYS D 38 -5.63 17.72 -7.37
CA LYS D 38 -6.46 18.35 -6.32
C LYS D 38 -7.57 19.14 -6.98
N ALA D 39 -8.74 19.15 -6.37
CA ALA D 39 -9.88 19.91 -6.87
C ALA D 39 -10.15 21.11 -5.96
N LYS D 40 -10.56 22.20 -6.56
CA LYS D 40 -10.93 23.40 -5.81
C LYS D 40 -12.35 23.81 -6.18
N VAL D 41 -13.02 24.42 -5.22
CA VAL D 41 -14.40 24.87 -5.40
C VAL D 41 -14.41 26.39 -5.51
N ALA D 42 -15.29 26.89 -6.35
CA ALA D 42 -15.47 28.34 -6.51
C ALA D 42 -16.48 28.81 -5.47
N VAL D 43 -16.15 29.89 -4.77
CA VAL D 43 -16.98 30.38 -3.68
C VAL D 43 -17.15 31.89 -3.81
N ASP D 44 -18.22 32.40 -3.21
CA ASP D 44 -18.42 33.84 -3.14
C ASP D 44 -17.67 34.41 -1.94
N ASN D 45 -17.71 35.72 -1.79
CA ASN D 45 -16.92 36.37 -0.77
C ASN D 45 -17.40 36.10 0.65
N LYS D 46 -18.47 35.32 0.81
CA LYS D 46 -18.87 34.77 2.10
C LYS D 46 -18.50 33.29 2.23
N ASN D 47 -17.66 32.78 1.32
CA ASN D 47 -17.23 31.38 1.28
C ASN D 47 -18.40 30.43 1.00
N VAL D 48 -19.48 30.95 0.43
CA VAL D 48 -20.56 30.10 -0.04
C VAL D 48 -20.27 29.65 -1.47
N PRO D 49 -20.29 28.35 -1.74
CA PRO D 49 -20.08 27.86 -3.11
C PRO D 49 -21.03 28.49 -4.10
N ILE D 50 -20.50 28.81 -5.28
CA ILE D 50 -21.30 29.40 -6.36
C ILE D 50 -22.10 28.29 -7.03
N PRO D 51 -23.39 28.50 -7.29
CA PRO D 51 -24.23 27.44 -7.85
C PRO D 51 -23.92 27.15 -9.30
N CYS D 52 -24.15 25.89 -9.70
CA CYS D 52 -23.80 25.46 -11.04
C CYS D 52 -24.52 26.27 -12.11
N SER D 53 -25.76 26.71 -11.82
CA SER D 53 -26.51 27.53 -12.78
C SER D 53 -25.69 28.74 -13.23
N LYS D 54 -24.90 29.31 -12.33
CA LYS D 54 -24.06 30.45 -12.61
C LYS D 54 -22.76 30.08 -13.33
N ILE D 55 -22.64 28.84 -13.83
CA ILE D 55 -21.40 28.38 -14.43
C ILE D 55 -20.94 29.30 -15.55
N ASN D 56 -21.86 29.88 -16.31
CA ASN D 56 -21.43 30.58 -17.53
C ASN D 56 -20.59 31.77 -17.15
N GLU D 57 -21.07 32.51 -16.18
CA GLU D 57 -20.41 33.72 -15.70
C GLU D 57 -19.04 33.40 -15.10
N VAL D 58 -18.94 32.27 -14.38
CA VAL D 58 -17.68 31.92 -13.72
C VAL D 58 -16.61 31.60 -14.75
N ASN D 59 -16.96 30.78 -15.76
CA ASN D 59 -15.97 30.35 -16.73
C ASN D 59 -15.54 31.46 -17.68
N ASN D 60 -16.32 32.54 -17.74
CA ASN D 60 -15.97 33.67 -18.64
C ASN D 60 -15.06 34.62 -17.86
N ASN D 61 -15.40 34.86 -16.60
CA ASN D 61 -14.64 35.72 -15.65
C ASN D 61 -14.06 34.80 -14.58
N LYS D 62 -12.82 34.34 -14.77
CA LYS D 62 -12.13 33.37 -13.87
C LYS D 62 -11.61 33.98 -12.56
N ASP D 63 -11.81 35.28 -12.32
CA ASP D 63 -11.36 35.97 -11.08
C ASP D 63 -12.35 35.67 -9.95
N VAL D 64 -12.39 34.44 -9.47
CA VAL D 64 -13.32 34.06 -8.38
C VAL D 64 -12.52 33.40 -7.29
N ASP D 65 -12.95 33.53 -6.04
CA ASP D 65 -12.30 32.86 -4.93
C ASP D 65 -12.43 31.35 -5.14
N THR D 66 -11.34 30.63 -4.84
CA THR D 66 -11.32 29.17 -4.99
C THR D 66 -10.67 28.56 -3.75
N LEU D 67 -11.27 27.50 -3.22
CA LEU D 67 -10.76 26.81 -2.05
C LEU D 67 -10.52 25.35 -2.41
N TYR D 68 -9.33 24.84 -2.10
CA TYR D 68 -9.02 23.45 -2.38
C TYR D 68 -9.75 22.52 -1.43
N CYS D 69 -10.15 21.37 -1.96
CA CYS D 69 -10.63 20.27 -1.14
C CYS D 69 -9.62 19.95 -0.04
N ASP D 70 -10.12 19.81 1.19
CA ASP D 70 -9.23 19.49 2.30
C ASP D 70 -10.04 19.12 3.52
N LYS D 71 -9.53 18.15 4.28
CA LYS D 71 -10.20 17.68 5.48
C LYS D 71 -10.26 18.77 6.55
N ASP D 72 -9.21 19.58 6.65
CA ASP D 72 -9.16 20.59 7.69
C ASP D 72 -10.10 21.76 7.42
N ARG D 73 -10.49 22.00 6.17
CA ARG D 73 -11.50 23.02 5.90
C ARG D 73 -12.87 22.50 6.29
N ASP D 74 -13.61 23.27 7.06
CA ASP D 74 -14.92 22.81 7.49
C ASP D 74 -15.92 23.95 7.62
N ASP D 75 -15.76 25.01 6.83
CA ASP D 75 -16.74 26.09 6.80
C ASP D 75 -17.63 25.99 5.57
N ILE D 76 -17.65 24.82 4.92
CA ILE D 76 -18.50 24.55 3.77
C ILE D 76 -19.29 23.27 4.00
N PRO D 77 -20.59 23.37 4.25
CA PRO D 77 -21.40 22.16 4.49
C PRO D 77 -21.22 21.13 3.39
N GLY D 78 -21.05 19.88 3.79
CA GLY D 78 -20.93 18.77 2.87
C GLY D 78 -19.76 18.92 1.91
N PHE D 79 -18.73 19.65 2.33
CA PHE D 79 -17.59 19.87 1.42
C PHE D 79 -16.85 18.57 1.16
N ALA D 80 -16.67 17.74 2.19
CA ALA D 80 -16.00 16.46 2.00
C ALA D 80 -16.74 15.54 1.01
N ARG D 81 -18.05 15.41 1.17
CA ARG D 81 -18.87 14.56 0.29
C ARG D 81 -18.71 15.06 -1.14
N SER D 82 -18.88 16.35 -1.30
CA SER D 82 -18.82 17.03 -2.59
C SER D 82 -17.42 16.88 -3.20
N CYS D 83 -16.41 16.94 -2.34
CA CYS D 83 -15.04 16.72 -2.78
C CYS D 83 -14.80 15.27 -3.16
N TYR D 84 -15.36 14.35 -2.38
CA TYR D 84 -15.23 12.91 -2.70
C TYR D 84 -15.83 12.62 -4.08
N ARG D 85 -16.94 13.28 -4.39
CA ARG D 85 -17.65 13.09 -5.68
C ARG D 85 -16.85 13.67 -6.85
N ALA D 86 -16.20 14.82 -6.66
CA ALA D 86 -15.44 15.42 -7.78
C ALA D 86 -14.25 14.53 -8.13
N TYR D 87 -13.71 13.83 -7.14
CA TYR D 87 -12.55 12.95 -7.36
C TYR D 87 -13.02 11.64 -7.98
N SER D 88 -14.19 11.15 -7.59
CA SER D 88 -14.73 9.87 -8.14
C SER D 88 -15.09 10.01 -9.62
N ASP D 89 -15.48 11.22 -10.03
CA ASP D 89 -15.91 11.53 -11.42
C ASP D 89 -14.75 11.54 -12.40
N LEU D 90 -13.50 11.37 -11.95
CA LEU D 90 -12.37 11.34 -12.92
C LEU D 90 -12.20 9.92 -13.43
N PHE D 91 -12.84 8.96 -12.77
CA PHE D 91 -12.81 7.53 -13.13
C PHE D 91 -14.14 7.15 -13.79
N ASN E 19 3.08 34.96 -9.17
CA ASN E 19 3.83 34.88 -7.93
C ASN E 19 3.25 35.75 -6.83
N PHE E 20 3.56 35.39 -5.61
CA PHE E 20 3.12 36.15 -4.45
C PHE E 20 4.26 37.02 -3.97
N ILE E 21 3.92 38.24 -3.51
CA ILE E 21 4.83 39.14 -2.82
C ILE E 21 4.24 39.44 -1.45
N CYS E 22 5.04 40.11 -0.65
CA CYS E 22 4.63 40.42 0.72
C CYS E 22 4.01 41.81 0.78
N VAL E 23 2.73 41.88 1.15
CA VAL E 23 1.99 43.16 1.34
C VAL E 23 1.47 43.07 2.77
N ASP E 24 1.83 44.04 3.60
CA ASP E 24 1.61 43.98 5.07
C ASP E 24 2.46 42.77 5.48
N ASP E 25 1.92 41.84 6.26
CA ASP E 25 2.78 40.65 6.52
C ASP E 25 2.03 39.48 5.88
N ARG E 26 1.44 39.75 4.72
CA ARG E 26 0.54 38.79 4.05
C ARG E 26 1.05 38.58 2.63
N LEU E 27 0.65 37.49 2.00
CA LEU E 27 1.03 37.16 0.63
C LEU E 27 -0.10 37.46 -0.35
N PHE E 28 0.21 38.26 -1.37
CA PHE E 28 -0.72 38.68 -2.41
C PHE E 28 -0.17 38.31 -3.77
N SER E 29 -1.07 37.95 -4.69
CA SER E 29 -0.74 37.74 -6.10
C SER E 29 -1.70 38.56 -6.96
N TYR E 30 -1.14 39.20 -8.00
CA TYR E 30 -1.92 40.06 -8.88
C TYR E 30 -2.32 39.32 -10.15
N ASN E 31 -3.50 39.65 -10.66
CA ASN E 31 -4.01 38.96 -11.87
C ASN E 31 -4.69 39.93 -12.81
N PHE E 32 -4.42 39.77 -14.10
CA PHE E 32 -5.13 40.44 -15.20
C PHE E 32 -6.52 39.84 -15.33
N THR E 33 -7.54 40.50 -14.77
CA THR E 33 -8.90 39.97 -14.83
C THR E 33 -9.67 40.62 -15.97
N THR E 34 -10.98 40.31 -16.04
CA THR E 34 -11.85 40.94 -17.01
C THR E 34 -12.16 42.38 -16.60
N SER E 35 -12.37 42.61 -15.31
CA SER E 35 -12.58 43.97 -14.80
C SER E 35 -11.29 44.59 -14.27
N GLY E 36 -10.13 44.25 -14.85
CA GLY E 36 -8.90 44.96 -14.56
C GLY E 36 -7.84 44.15 -13.80
N ILE E 37 -7.11 44.80 -12.91
CA ILE E 37 -6.09 44.15 -12.10
C ILE E 37 -6.64 43.92 -10.70
N LYS E 38 -6.75 42.66 -10.32
CA LYS E 38 -7.23 42.27 -9.00
C LYS E 38 -6.13 41.53 -8.24
N ALA E 39 -6.02 41.79 -6.94
CA ALA E 39 -5.12 41.07 -6.06
C ALA E 39 -5.89 40.03 -5.24
N LYS E 40 -5.19 38.94 -4.90
CA LYS E 40 -5.76 37.89 -4.09
C LYS E 40 -4.76 37.43 -3.04
N VAL E 41 -5.26 37.10 -1.86
CA VAL E 41 -4.44 36.72 -0.73
C VAL E 41 -4.40 35.20 -0.59
N ALA E 42 -3.29 34.68 -0.06
CA ALA E 42 -3.13 33.26 0.18
C ALA E 42 -3.47 32.93 1.63
N VAL E 43 -4.40 31.98 1.82
CA VAL E 43 -4.90 31.60 3.12
C VAL E 43 -4.82 30.09 3.27
N ASP E 44 -4.85 29.63 4.51
CA ASP E 44 -4.84 28.18 4.80
C ASP E 44 -6.28 27.68 4.82
N ASN E 45 -6.52 26.48 5.34
CA ASN E 45 -7.92 25.95 5.27
C ASN E 45 -8.84 26.46 6.40
N LYS E 46 -8.41 27.44 7.19
CA LYS E 46 -9.32 28.09 8.16
C LYS E 46 -9.34 29.57 7.78
N ASN E 47 -9.00 29.88 6.53
CA ASN E 47 -8.98 31.24 5.99
C ASN E 47 -8.04 32.16 6.76
N VAL E 48 -6.96 31.60 7.28
CA VAL E 48 -5.93 32.36 7.96
C VAL E 48 -4.89 32.77 6.90
N PRO E 49 -4.66 34.06 6.68
CA PRO E 49 -3.64 34.46 5.71
C PRO E 49 -2.32 33.78 6.04
N ILE E 50 -1.65 33.30 5.00
CA ILE E 50 -0.37 32.61 5.12
C ILE E 50 0.72 33.68 5.29
N PRO E 51 1.60 33.52 6.27
CA PRO E 51 2.57 34.56 6.59
C PRO E 51 3.67 34.65 5.56
N CYS E 52 4.20 35.89 5.41
CA CYS E 52 5.34 36.14 4.50
C CYS E 52 6.53 35.26 4.83
N SER E 53 6.56 34.71 6.05
CA SER E 53 7.58 33.76 6.46
C SER E 53 7.68 32.59 5.47
N LYS E 54 6.54 32.20 4.89
CA LYS E 54 6.48 31.05 3.99
C LYS E 54 6.52 31.45 2.51
N ILE E 55 7.07 32.62 2.18
CA ILE E 55 7.06 33.18 0.82
C ILE E 55 7.52 32.16 -0.22
N ASN E 56 8.68 31.54 -0.01
CA ASN E 56 9.21 30.68 -1.06
C ASN E 56 8.63 29.27 -1.02
N GLU E 57 8.16 28.81 0.14
CA GLU E 57 7.36 27.59 0.15
C GLU E 57 6.02 27.77 -0.55
N VAL E 58 5.55 28.99 -0.73
CA VAL E 58 4.27 29.20 -1.42
C VAL E 58 4.49 29.42 -2.91
N ASN E 59 5.55 30.14 -3.29
CA ASN E 59 5.82 30.34 -4.71
C ASN E 59 6.34 29.06 -5.35
N ASN E 60 6.95 28.22 -4.52
CA ASN E 60 7.31 26.85 -4.91
C ASN E 60 6.11 26.01 -4.46
N ASN E 61 5.64 25.08 -5.28
CA ASN E 61 4.44 24.27 -4.92
C ASN E 61 3.34 25.23 -4.54
N LYS E 62 3.00 26.12 -5.47
CA LYS E 62 2.02 27.21 -5.23
C LYS E 62 0.58 26.77 -5.56
N ASP E 63 0.06 25.78 -4.83
CA ASP E 63 -1.33 25.31 -5.00
C ASP E 63 -2.06 25.62 -3.69
N VAL E 64 -2.28 26.89 -3.41
CA VAL E 64 -2.89 27.33 -2.12
C VAL E 64 -4.27 27.91 -2.37
N ASP E 65 -5.03 28.10 -1.29
CA ASP E 65 -6.35 28.76 -1.37
C ASP E 65 -6.10 30.24 -1.60
N THR E 66 -6.85 30.86 -2.49
CA THR E 66 -6.69 32.29 -2.71
C THR E 66 -8.03 32.99 -2.66
N LEU E 67 -7.98 34.23 -2.16
CA LEU E 67 -9.14 35.03 -1.88
C LEU E 67 -8.94 36.41 -2.48
N TYR E 68 -9.88 36.83 -3.32
CA TYR E 68 -9.75 38.10 -4.02
C TYR E 68 -10.05 39.25 -3.09
N CYS E 69 -9.35 40.37 -3.33
CA CYS E 69 -9.65 41.60 -2.60
C CYS E 69 -11.07 42.07 -2.94
N ASP E 70 -11.87 42.26 -1.90
CA ASP E 70 -13.29 42.62 -2.07
C ASP E 70 -13.82 43.22 -0.76
N LYS E 71 -14.64 44.25 -0.86
CA LYS E 71 -15.21 44.97 0.31
C LYS E 71 -16.22 44.08 1.04
N ASP E 72 -16.82 43.13 0.34
CA ASP E 72 -17.82 42.23 0.97
C ASP E 72 -17.13 41.14 1.79
N ARG E 73 -15.82 40.93 1.63
CA ARG E 73 -15.12 39.90 2.44
C ARG E 73 -14.91 40.46 3.85
N ASP E 74 -15.41 39.73 4.86
CA ASP E 74 -15.39 40.19 6.25
C ASP E 74 -14.69 39.21 7.19
N ASP E 75 -14.30 38.03 6.71
CA ASP E 75 -13.68 37.05 7.64
C ASP E 75 -12.16 37.20 7.74
N ILE E 76 -11.59 38.25 7.16
CA ILE E 76 -10.12 38.47 7.25
C ILE E 76 -9.84 39.80 7.93
N PRO E 77 -9.16 39.84 9.09
CA PRO E 77 -8.83 41.09 9.76
C PRO E 77 -7.89 41.98 8.93
N GLY E 78 -8.26 43.26 8.82
CA GLY E 78 -7.47 44.27 8.09
C GLY E 78 -7.39 43.99 6.60
N PHE E 79 -8.28 43.16 6.07
CA PHE E 79 -8.26 42.80 4.66
C PHE E 79 -8.37 44.04 3.77
N ALA E 80 -9.31 44.95 4.07
CA ALA E 80 -9.46 46.14 3.25
C ALA E 80 -8.20 47.00 3.27
N ARG E 81 -7.53 47.08 4.42
CA ARG E 81 -6.28 47.81 4.50
C ARG E 81 -5.21 47.16 3.64
N SER E 82 -4.94 45.87 3.87
CA SER E 82 -3.95 45.15 3.07
C SER E 82 -4.23 45.30 1.59
N CYS E 83 -5.51 45.20 1.21
CA CYS E 83 -5.90 45.35 -0.18
C CYS E 83 -5.54 46.75 -0.70
N TYR E 84 -5.94 47.80 0.02
CA TYR E 84 -5.60 49.16 -0.40
C TYR E 84 -4.08 49.32 -0.54
N ARG E 85 -3.34 48.88 0.47
CA ARG E 85 -1.89 48.79 0.37
C ARG E 85 -1.45 48.04 -0.89
N ALA E 86 -2.04 46.87 -1.15
CA ALA E 86 -1.64 46.09 -2.31
C ALA E 86 -1.79 46.88 -3.61
N TYR E 87 -2.93 47.53 -3.79
CA TYR E 87 -3.20 48.26 -5.02
C TYR E 87 -2.42 49.56 -5.05
N SER E 88 -2.47 50.32 -3.96
CA SER E 88 -1.71 51.57 -3.88
C SER E 88 -0.24 51.35 -4.16
N ASP E 89 0.29 50.20 -3.74
CA ASP E 89 1.73 49.91 -3.96
C ASP E 89 2.07 49.95 -5.44
N LEU E 90 1.16 49.51 -6.32
CA LEU E 90 1.46 49.44 -7.78
C LEU E 90 1.72 50.81 -8.42
N PHE E 91 1.21 51.90 -7.85
CA PHE E 91 1.50 53.26 -8.37
C PHE E 91 2.82 53.76 -7.74
N PHE E 92 3.93 53.15 -8.16
CA PHE E 92 5.31 53.43 -7.68
C PHE E 92 5.84 54.68 -8.36
N LYS F 18 16.50 -30.22 11.50
CA LYS F 18 15.94 -28.84 11.37
C LYS F 18 15.92 -28.43 9.90
N ASN F 19 17.10 -28.23 9.30
CA ASN F 19 17.15 -27.81 7.87
C ASN F 19 17.37 -29.02 6.98
N PHE F 20 17.29 -28.81 5.67
CA PHE F 20 17.40 -29.93 4.73
C PHE F 20 18.82 -30.07 4.18
N ILE F 21 19.17 -31.31 3.87
CA ILE F 21 20.41 -31.69 3.19
C ILE F 21 20.07 -32.29 1.82
N CYS F 22 21.11 -32.39 0.99
CA CYS F 22 21.00 -32.95 -0.34
C CYS F 22 21.17 -34.47 -0.29
N VAL F 23 20.21 -35.19 -0.87
CA VAL F 23 20.28 -36.64 -0.99
C VAL F 23 19.65 -37.00 -2.32
N ASP F 24 20.43 -37.56 -3.24
CA ASP F 24 19.91 -38.15 -4.47
C ASP F 24 19.21 -37.11 -5.36
N ASP F 25 19.84 -35.94 -5.49
CA ASP F 25 19.32 -34.78 -6.22
C ASP F 25 18.09 -34.16 -5.58
N ARG F 26 17.75 -34.53 -4.35
CA ARG F 26 16.53 -34.10 -3.69
C ARG F 26 16.84 -33.58 -2.29
N LEU F 27 15.88 -32.87 -1.70
CA LEU F 27 16.05 -32.23 -0.40
C LEU F 27 15.32 -33.00 0.70
N PHE F 28 16.05 -33.40 1.73
CA PHE F 28 15.52 -34.26 2.77
C PHE F 28 15.77 -33.61 4.13
N SER F 29 14.81 -33.81 5.04
CA SER F 29 14.97 -33.49 6.46
C SER F 29 14.56 -34.72 7.27
N TYR F 30 14.91 -34.72 8.56
CA TYR F 30 14.70 -35.86 9.46
C TYR F 30 13.93 -35.43 10.70
N ASN F 31 13.06 -36.29 11.16
CA ASN F 31 12.22 -36.01 12.35
C ASN F 31 12.54 -37.06 13.39
N PHE F 32 12.58 -36.67 14.66
CA PHE F 32 12.89 -37.61 15.74
C PHE F 32 11.64 -37.82 16.60
N THR F 33 10.72 -38.65 16.10
CA THR F 33 9.47 -38.84 16.82
C THR F 33 9.73 -39.75 18.04
N THR F 34 8.64 -40.10 18.73
CA THR F 34 8.73 -41.23 19.64
C THR F 34 8.60 -42.55 18.91
N SER F 35 8.15 -42.52 17.65
CA SER F 35 7.99 -43.70 16.81
C SER F 35 9.20 -43.98 15.92
N GLY F 36 10.34 -43.31 16.19
CA GLY F 36 11.54 -43.54 15.41
C GLY F 36 12.02 -42.32 14.66
N ILE F 37 12.96 -42.52 13.73
CA ILE F 37 13.46 -41.44 12.88
C ILE F 37 12.88 -41.63 11.49
N LYS F 38 12.15 -40.63 11.00
CA LYS F 38 11.56 -40.62 9.67
C LYS F 38 12.15 -39.50 8.83
N ALA F 39 12.30 -39.76 7.53
CA ALA F 39 12.78 -38.74 6.59
C ALA F 39 11.64 -38.17 5.76
N LYS F 40 11.74 -36.88 5.45
CA LYS F 40 10.76 -36.25 4.58
C LYS F 40 11.44 -35.47 3.46
N VAL F 41 10.78 -35.42 2.30
CA VAL F 41 11.27 -34.74 1.10
C VAL F 41 10.49 -33.46 0.88
N ALA F 42 11.16 -32.46 0.31
CA ALA F 42 10.55 -31.15 0.07
C ALA F 42 10.11 -31.08 -1.37
N VAL F 43 8.84 -30.73 -1.59
CA VAL F 43 8.24 -30.74 -2.92
C VAL F 43 7.61 -29.38 -3.20
N ASP F 44 7.47 -29.07 -4.50
CA ASP F 44 6.79 -27.88 -4.95
C ASP F 44 5.28 -28.11 -4.95
N ASN F 45 4.52 -27.09 -5.39
CA ASN F 45 3.06 -27.22 -5.34
C ASN F 45 2.49 -28.20 -6.35
N LYS F 46 3.31 -28.83 -7.20
CA LYS F 46 2.86 -29.89 -8.10
C LYS F 46 3.40 -31.24 -7.68
N ASN F 47 3.87 -31.35 -6.45
CA ASN F 47 4.40 -32.59 -5.90
C ASN F 47 5.71 -33.01 -6.54
N VAL F 48 6.37 -32.13 -7.28
CA VAL F 48 7.68 -32.42 -7.85
C VAL F 48 8.75 -32.10 -6.80
N PRO F 49 9.56 -33.07 -6.38
CA PRO F 49 10.67 -32.80 -5.46
C PRO F 49 11.45 -31.56 -5.86
N ILE F 50 11.71 -30.70 -4.88
CA ILE F 50 12.50 -29.48 -5.10
C ILE F 50 13.98 -29.85 -5.27
N PRO F 51 14.66 -29.37 -6.30
CA PRO F 51 16.02 -29.85 -6.56
C PRO F 51 17.08 -29.34 -5.58
N CYS F 52 18.11 -30.18 -5.39
CA CYS F 52 19.25 -29.84 -4.53
C CYS F 52 19.74 -28.42 -4.73
N SER F 53 19.67 -27.92 -5.96
CA SER F 53 20.20 -26.60 -6.28
C SER F 53 19.49 -25.48 -5.52
N LYS F 54 18.40 -25.77 -4.82
CA LYS F 54 17.68 -24.73 -4.09
C LYS F 54 17.83 -24.87 -2.58
N ILE F 55 18.80 -25.66 -2.11
CA ILE F 55 19.00 -25.91 -0.68
C ILE F 55 19.12 -24.60 0.10
N ASN F 56 19.79 -23.59 -0.46
CA ASN F 56 20.00 -22.35 0.27
C ASN F 56 18.70 -21.56 0.35
N GLU F 57 17.95 -21.56 -0.74
CA GLU F 57 16.63 -20.94 -0.76
C GLU F 57 15.69 -21.64 0.22
N VAL F 58 15.63 -22.98 0.14
CA VAL F 58 14.77 -23.74 1.04
C VAL F 58 15.16 -23.52 2.50
N ASN F 59 16.45 -23.57 2.81
CA ASN F 59 16.84 -23.55 4.23
C ASN F 59 16.66 -22.20 4.90
N ASN F 60 16.59 -21.12 4.11
CA ASN F 60 16.36 -19.79 4.72
C ASN F 60 14.86 -19.52 4.87
N ASN F 61 14.02 -20.19 4.07
CA ASN F 61 12.54 -20.03 4.11
C ASN F 61 11.92 -21.43 4.07
N LYS F 62 11.90 -22.12 5.21
CA LYS F 62 11.44 -23.53 5.30
C LYS F 62 9.93 -23.70 5.11
N ASP F 63 9.24 -22.75 4.49
CA ASP F 63 7.81 -22.93 4.25
C ASP F 63 7.56 -23.81 3.04
N VAL F 64 8.14 -25.01 3.01
CA VAL F 64 7.95 -25.92 1.89
C VAL F 64 7.08 -27.09 2.29
N ASP F 65 6.33 -27.58 1.32
CA ASP F 65 5.59 -28.82 1.46
C ASP F 65 6.57 -29.96 1.71
N THR F 66 6.20 -30.88 2.60
CA THR F 66 7.05 -32.01 2.89
C THR F 66 6.22 -33.27 2.96
N LEU F 67 6.83 -34.36 2.49
CA LEU F 67 6.19 -35.66 2.42
C LEU F 67 7.13 -36.65 3.07
N TYR F 68 6.63 -37.41 4.03
CA TYR F 68 7.42 -38.43 4.70
C TYR F 68 7.54 -39.67 3.82
N CYS F 69 8.71 -40.31 3.93
CA CYS F 69 8.98 -41.58 3.30
C CYS F 69 7.91 -42.59 3.68
N ASP F 70 7.35 -43.25 2.66
CA ASP F 70 6.22 -44.14 2.87
C ASP F 70 6.04 -45.04 1.67
N LYS F 71 6.08 -46.37 1.88
CA LYS F 71 5.93 -47.30 0.76
C LYS F 71 4.61 -47.11 0.03
N ASP F 72 3.56 -46.69 0.74
CA ASP F 72 2.25 -46.52 0.11
C ASP F 72 2.08 -45.19 -0.60
N ARG F 73 3.08 -44.32 -0.56
CA ARG F 73 3.00 -43.10 -1.38
C ARG F 73 3.50 -43.50 -2.77
N ASP F 74 2.72 -43.26 -3.81
CA ASP F 74 3.11 -43.72 -5.17
C ASP F 74 3.10 -42.58 -6.20
N ASP F 75 3.21 -41.32 -5.80
CA ASP F 75 3.17 -40.22 -6.80
C ASP F 75 4.54 -39.58 -6.99
N ILE F 76 5.55 -40.02 -6.25
CA ILE F 76 6.89 -39.49 -6.38
C ILE F 76 7.77 -40.58 -6.98
N PRO F 77 8.18 -40.46 -8.24
CA PRO F 77 9.01 -41.52 -8.82
C PRO F 77 10.37 -41.61 -8.14
N GLY F 78 10.87 -42.84 -8.02
CA GLY F 78 12.13 -43.08 -7.32
C GLY F 78 12.12 -42.74 -5.85
N PHE F 79 10.94 -42.65 -5.23
CA PHE F 79 10.85 -42.19 -3.84
C PHE F 79 11.44 -43.21 -2.88
N ALA F 80 11.24 -44.50 -3.15
CA ALA F 80 11.86 -45.51 -2.31
C ALA F 80 13.38 -45.53 -2.47
N ARG F 81 13.87 -45.41 -3.71
CA ARG F 81 15.31 -45.27 -3.91
C ARG F 81 15.85 -44.07 -3.12
N SER F 82 15.22 -42.91 -3.26
CA SER F 82 15.75 -41.71 -2.59
C SER F 82 15.66 -41.84 -1.07
N CYS F 83 14.55 -42.39 -0.57
CA CYS F 83 14.41 -42.53 0.87
C CYS F 83 15.46 -43.43 1.46
N TYR F 84 15.71 -44.56 0.80
CA TYR F 84 16.69 -45.52 1.30
C TYR F 84 18.06 -44.87 1.47
N ARG F 85 18.44 -44.00 0.52
CA ARG F 85 19.71 -43.31 0.64
C ARG F 85 19.70 -42.28 1.75
N ALA F 86 18.55 -41.64 2.01
CA ALA F 86 18.48 -40.66 3.10
C ALA F 86 18.72 -41.33 4.45
N TYR F 87 18.14 -42.53 4.65
CA TYR F 87 18.38 -43.26 5.89
C TYR F 87 19.78 -43.85 5.93
N SER F 88 20.35 -44.19 4.77
CA SER F 88 21.74 -44.63 4.76
C SER F 88 22.68 -43.49 5.11
N ASP F 89 22.34 -42.25 4.74
CA ASP F 89 23.33 -41.24 5.13
C ASP F 89 23.18 -40.83 6.62
N LEU F 90 22.39 -41.58 7.40
CA LEU F 90 22.43 -41.45 8.85
C LEU F 90 23.44 -42.38 9.49
N PHE F 91 23.95 -43.36 8.76
CA PHE F 91 24.97 -44.23 9.28
C PHE F 91 26.26 -44.05 8.47
N PHE F 92 26.67 -42.79 8.29
CA PHE F 92 27.83 -42.47 7.47
C PHE F 92 28.70 -41.40 8.15
C1 EOH G . -11.57 9.43 2.94
C2 EOH G . -10.20 9.72 3.34
O EOH G . -11.77 9.74 1.61
C1 EDO H . 11.30 7.46 -17.19
O1 EDO H . 12.59 7.08 -16.81
C2 EDO H . 11.16 8.93 -17.33
O2 EDO H . 10.06 9.26 -18.14
C1 EDO I . -4.90 -6.70 -16.58
O1 EDO I . -4.69 -7.74 -15.70
C2 EDO I . -3.65 -6.12 -17.05
O2 EDO I . -2.68 -7.08 -17.25
C MOH J . -9.01 4.40 -3.77
O MOH J . -9.09 4.77 -2.43
C MOH K . 4.64 -9.22 -9.17
O MOH K . 6.01 -9.49 -9.30
C MOH L . 2.69 7.38 -21.04
O MOH L . 1.45 6.89 -20.63
I IOD M . -2.50 0.08 -19.41
I IOD N . 10.31 2.59 -22.14
I IOD O . 4.27 14.31 -20.52
CL CL P . 14.03 -8.20 -5.92
CL CL Q . 16.78 11.76 -14.91
CL CL R . 12.12 14.04 -13.55
C1 EOH S . -3.92 -19.66 -0.26
C2 EOH S . -4.52 -19.87 -1.56
O EOH S . -3.63 -18.30 -0.07
C1 EDO T . 1.04 -0.32 19.29
O1 EDO T . 1.26 -1.68 19.59
C2 EDO T . -0.15 -0.09 18.46
O2 EDO T . -1.01 0.89 18.99
C1 PDO U . -3.30 12.55 17.96
O1 PDO U . -2.04 12.50 18.57
C2 PDO U . -4.32 11.98 18.93
C3 PDO U . -5.77 12.27 18.50
O3 PDO U . -6.62 11.60 19.38
C1 PDO V . -2.61 0.90 3.90
O1 PDO V . -2.21 -0.25 4.58
C2 PDO V . -1.48 1.42 3.04
C3 PDO V . -1.80 1.22 1.57
O3 PDO V . -1.83 2.44 0.90
C1 PGR W . 15.63 3.37 11.01
C2 PGR W . 14.59 3.03 12.05
C3 PGR W . 15.22 2.67 13.34
O1 PGR W . 15.87 2.27 10.15
O2 PGR W . 13.78 4.15 12.22
I IOD X . 6.32 -1.25 20.22
I IOD Y . 8.65 -5.88 19.97
I IOD Z . 19.06 10.79 2.21
I IOD AA . -4.02 5.56 16.64
I IOD BA . 17.63 -1.24 13.93
I IOD CA . 18.29 -5.93 19.99
CL CL DA . 18.21 -8.11 11.40
CL CL EA . 19.54 -6.79 15.94
NA NA FA . 9.97 -5.13 0.23
C5 PG0 GA . 9.19 11.03 9.59
O2 PG0 GA . 8.01 10.57 8.99
C4 PG0 GA . 6.97 11.51 8.84
C3 PG0 GA . 6.00 10.95 7.77
O1 PG0 GA . 4.75 11.59 7.81
C2 PG0 GA . 4.05 11.53 9.03
C1 PG0 GA . 3.01 10.39 9.00
OTT PG0 GA . 2.25 10.42 7.82
N DHL HA . 10.72 -11.48 20.75
CA DHL HA . 11.59 -11.03 19.66
CB DHL HA . 12.79 -11.95 19.43
SG DHL HA . 13.80 -11.37 18.07
C1 EDO IA . 5.78 -21.76 15.25
O1 EDO IA . 6.09 -22.13 16.58
C2 EDO IA . 6.88 -21.07 14.56
O2 EDO IA . 6.78 -21.23 13.18
C1 EDO JA . -10.01 -28.28 18.44
O1 EDO JA . -9.01 -28.74 19.31
C2 EDO JA . -9.47 -27.67 17.22
O2 EDO JA . -10.45 -27.37 16.26
C1 EDO KA . -12.66 -17.65 -1.17
O1 EDO KA . -13.94 -17.62 -0.59
C2 EDO KA . -12.46 -18.86 -1.97
O2 EDO KA . -11.81 -18.56 -3.17
C MOH LA . -14.84 -36.52 9.07
O MOH LA . -14.45 -36.26 10.38
C MOH MA . 5.04 -24.18 -1.09
O MOH MA . 4.06 -24.58 -2.00
C1 PDO NA . 3.29 -29.11 12.80
O1 PDO NA . 3.50 -28.78 14.17
C2 PDO NA . 4.34 -30.08 12.28
C3 PDO NA . 3.98 -30.71 10.95
O3 PDO NA . 3.93 -32.12 11.03
I IOD OA . 12.63 -16.87 9.99
CL CL PA . -8.27 -25.01 -5.32
NA NA QA . -5.34 -23.25 -10.02
C1 PGE RA . -7.29 -41.35 6.37
O1 PGE RA . -8.64 -41.35 6.77
C2 PGE RA . -6.45 -40.40 7.19
O2 PGE RA . -5.62 -41.13 8.07
C3 PGE RA . -4.23 -40.86 7.86
C4 PGE RA . -3.45 -41.30 9.04
O4 PGE RA . -1.62 -39.47 11.69
C6 PGE RA . -2.22 -40.69 12.04
C5 PGE RA . -3.54 -40.88 11.37
O3 PGE RA . -3.51 -40.31 10.07
C1 PEG SA . -7.69 -13.41 -0.43
O1 PEG SA . -6.96 -13.14 -1.60
C2 PEG SA . -7.70 -14.92 -0.20
O2 PEG SA . -6.88 -15.24 0.91
C3 PEG SA . -6.34 -16.52 0.89
C4 PEG SA . -7.29 -17.36 0.02
O4 PEG SA . -6.70 -18.60 -0.19
C1 EOH TA . 4.79 20.39 -11.53
C2 EOH TA . 4.23 21.15 -12.63
O EOH TA . 4.67 21.13 -10.34
C1 EDO UA . -26.84 28.16 -18.32
O1 EDO UA . -27.27 28.37 -16.97
C2 EDO UA . -26.56 29.50 -18.95
O2 EDO UA . -26.41 29.34 -20.38
C1 EDO VA . 4.56 15.07 -7.48
O1 EDO VA . 3.67 15.81 -8.27
C2 EDO VA . 5.13 13.92 -8.18
O2 EDO VA . 6.51 13.89 -8.11
C1 PDO WA . -19.51 16.62 5.30
O1 PDO WA . -19.60 15.59 4.37
C2 PDO WA . -18.20 17.36 5.00
C3 PDO WA . -17.86 18.52 5.93
O3 PDO WA . -16.56 18.97 5.62
O POL XA . -15.60 35.85 -4.94
C1 POL XA . -15.33 36.84 -5.90
C2 POL XA . -14.81 38.03 -5.31
C3 POL XA . -14.06 38.78 -6.37
I IOD YA . -20.19 27.10 -19.43
I IOD ZA . -24.17 25.89 1.09
CL CL AB . -2.82 22.56 -14.10
C1 PEG BB . -24.74 16.84 -9.91
O1 PEG BB . -24.43 18.10 -10.44
C2 PEG BB . -23.68 15.83 -10.35
O2 PEG BB . -23.61 14.79 -9.41
C3 PEG BB . -22.35 14.40 -8.99
C4 PEG BB . -22.44 14.01 -7.53
O4 PEG BB . -21.98 12.69 -7.36
C1 GOL CB . -0.69 28.88 8.05
O1 GOL CB . -1.33 30.14 7.85
C2 GOL CB . 0.82 29.03 7.73
O2 GOL CB . 1.56 29.36 8.85
C3 GOL CB . 1.30 27.68 7.12
O3 GOL CB . 0.40 27.39 6.09
C1 EOH DB . -8.51 51.52 3.95
C2 EOH DB . -9.76 51.04 4.54
O EOH DB . -7.54 51.75 4.94
C1 EDO EB . 2.35 26.63 0.21
O1 EDO EB . 2.17 25.41 -0.47
C2 EDO EB . 1.90 26.60 1.62
O2 EDO EB . 2.93 26.70 2.55
C1 EDO FB . -15.61 45.16 -4.95
O1 EDO FB . -15.51 45.49 -3.60
C2 EDO FB . -16.84 44.40 -5.28
O2 EDO FB . -16.69 43.63 -6.45
C MOH GB . -4.81 23.45 0.52
O MOH GB . -5.55 24.13 1.49
C1 PDO HB . -0.55 53.48 2.69
O1 PDO HB . -0.90 53.22 1.35
C2 PDO HB . -1.52 52.75 3.64
C3 PDO HB . -2.68 53.63 4.08
O3 PDO HB . -3.48 52.92 5.00
C1 IPA IB . -3.82 25.32 9.87
C2 IPA IB . -4.58 24.51 8.88
C3 IPA IB . -3.90 24.37 7.57
O2 IPA IB . -5.86 25.05 8.68
C1 GOL JB . 10.54 -45.26 2.63
O1 GOL JB . 11.08 -45.90 3.78
C2 GOL JB . 10.18 -46.29 1.59
O2 GOL JB . 11.27 -47.21 1.51
C3 GOL JB . 9.89 -45.73 0.23
O3 GOL JB . 9.32 -44.42 0.30
C1 GOL KB . 25.54 -29.01 0.24
O1 GOL KB . 24.86 -27.89 -0.21
C2 GOL KB . 24.82 -30.25 -0.34
O2 GOL KB . 25.37 -30.69 -1.53
C3 GOL KB . 24.79 -31.37 0.80
O3 GOL KB . 23.96 -30.90 1.82
C1 EOH LB . 23.10 -39.60 -1.81
C2 EOH LB . 23.66 -38.35 -2.28
O EOH LB . 22.99 -40.50 -2.87
C1 EDO MB . 30.54 -19.33 -2.38
O1 EDO MB . 29.74 -18.69 -3.34
C2 EDO MB . 29.93 -19.31 -1.04
O2 EDO MB . 30.72 -19.96 -0.07
C MOH NB . 11.85 -23.04 -2.54
O MOH NB . 12.16 -23.23 -3.88
C MOH OB . 8.86 -24.25 -4.04
O MOH OB . 9.89 -24.26 -4.99
C MOH PB . 11.53 -33.66 15.84
O MOH PB . 12.90 -33.59 15.63
CL CL QB . 12.28 -46.83 -6.52
CL CL RB . 10.11 -28.44 7.57
C1 PGE SB . 19.99 -51.95 -1.90
O1 PGE SB . 20.51 -51.49 -3.14
C2 PGE SB . 18.50 -51.81 -1.79
O2 PGE SB . 18.02 -50.78 -2.64
C3 PGE SB . 16.61 -50.63 -2.58
C4 PGE SB . 16.21 -49.25 -2.97
O4 PGE SB . 20.48 -47.89 -3.78
C6 PGE SB . 19.36 -48.68 -4.10
C5 PGE SB . 18.08 -48.01 -3.72
O3 PGE SB . 16.98 -48.84 -4.09
C1 PEG TB . 27.41 -21.09 -2.48
O1 PEG TB . 27.33 -19.76 -2.88
C2 PEG TB . 27.11 -21.23 -0.99
O2 PEG TB . 26.24 -22.31 -0.81
C3 PEG TB . 26.69 -23.25 0.12
C4 PEG TB . 25.93 -24.55 -0.07
O4 PEG TB . 26.44 -25.25 -1.16
N DHL UB . 26.29 -35.07 -4.45
CA DHL UB . 25.49 -34.37 -3.53
CB DHL UB . 24.35 -35.25 -3.06
SG DHL UB . 23.00 -35.24 -4.21
#